data_5FG3
#
_entry.id   5FG3
#
_cell.length_a   57.853
_cell.length_b   97.448
_cell.length_c   61.296
_cell.angle_alpha   90.00
_cell.angle_beta   94.77
_cell.angle_gamma   90.00
#
_symmetry.space_group_name_H-M   'P 1 21 1'
#
loop_
_entity.id
_entity.type
_entity.pdbx_description
1 polymer 'Probable translation initiation factor IF-2'
2 non-polymer "GUANOSINE-5'-DIPHOSPHATE"
3 water water
#
_entity_poly.entity_id   1
_entity_poly.type   'polypeptide(L)'
_entity_poly.pdbx_seq_one_letter_code
;MAGDKGGGDGERRLRQPIVVVLGHVDHGKTTLLDKIRRTAVAAKEAGGITQHIGASIVPADVIEKIAEPLKKVIPVKLVI
PGLLFIDTPGHELFSNLRRRGGSVADFAILVVDIMEGFKPQTYEALELLKERRVPFLIAANKIDRIPGWKPNPDAPFIET
IRRQDPKVREILEQRVYEIVGKMYEAGLPAELFTRIKDFRRKIAIVPVSARTGEGIPELLAVLAGLTQTYLKERLRYAEG
PAKGVVLEVKEMQGFGTVVDAVIYDGVLKKEDIIVVGGREGPIVTRVRALLMPAPLQDIRSREARFVQVDRVYAAAGVRI
AAPGLDDVIAGSPIYAAESEEEARKLMEAVQREIEELRFRTENIGVVVKADTLGTLEALVEALRRRGVPVRLADIGPVSR
SDVLDAAVTRKIDPYLGVVLAFNVKVLPEAEEEASRAGVKIFRESMIYKLIEDYEEWVKKEKEAERLKALNSLIRPGKFR
ILPGYVFRRSDPAIVGVEVLGGVIRPGYPVMDSQGRELGRIMAIKDRDRSLEEARLGAAVAVSIQGRILIGRHANEGDIL
YTNVPAQHAYKILTEFKDLVSKDELDVLREIAEIKRRAADHEYNKVLLRLKIKRVSQHHHHHH
;
_entity_poly.pdbx_strand_id   A
#
loop_
_chem_comp.id
_chem_comp.type
_chem_comp.name
_chem_comp.formula
GDP RNA linking GUANOSINE-5'-DIPHOSPHATE 'C10 H15 N5 O11 P2'
#
# COMPACT_ATOMS: atom_id res chain seq x y z
N ARG A 13 -26.11 28.03 -0.94
CA ARG A 13 -24.91 28.28 -1.80
C ARG A 13 -23.83 27.17 -1.66
N LEU A 14 -22.94 27.12 -2.64
CA LEU A 14 -21.90 26.09 -2.69
C LEU A 14 -20.55 26.65 -2.30
N ARG A 15 -19.68 25.78 -1.82
CA ARG A 15 -18.29 26.13 -1.56
C ARG A 15 -17.40 25.26 -2.45
N GLN A 16 -16.11 25.49 -2.37
CA GLN A 16 -15.15 24.87 -3.26
C GLN A 16 -15.00 23.39 -2.92
N PRO A 17 -15.08 22.51 -3.94
CA PRO A 17 -14.62 21.15 -3.76
C PRO A 17 -13.14 21.10 -3.40
N ILE A 18 -12.79 20.18 -2.54
CA ILE A 18 -11.45 20.01 -2.03
C ILE A 18 -10.87 18.86 -2.81
N VAL A 19 -9.72 19.09 -3.47
CA VAL A 19 -9.19 18.13 -4.42
C VAL A 19 -7.82 17.69 -3.91
N VAL A 20 -7.60 16.38 -3.92
CA VAL A 20 -6.37 15.78 -3.45
C VAL A 20 -5.72 15.06 -4.60
N VAL A 21 -4.38 14.93 -4.56
CA VAL A 21 -3.64 14.35 -5.66
C VAL A 21 -2.88 13.13 -5.18
N LEU A 22 -3.13 12.00 -5.82
CA LEU A 22 -2.58 10.69 -5.49
C LEU A 22 -1.75 10.15 -6.65
N GLY A 23 -0.97 9.11 -6.34
CA GLY A 23 -0.31 8.30 -7.36
C GLY A 23 1.09 7.94 -6.91
N HIS A 24 1.74 7.10 -7.70
CA HIS A 24 3.08 6.54 -7.38
C HIS A 24 4.17 7.60 -7.40
N VAL A 25 5.21 7.37 -6.58
CA VAL A 25 6.32 8.29 -6.49
C VAL A 25 6.88 8.58 -7.88
N ASP A 26 7.18 9.85 -8.10
CA ASP A 26 7.69 10.39 -9.36
C ASP A 26 6.79 10.27 -10.61
N HIS A 27 5.51 10.00 -10.43
CA HIS A 27 4.58 10.01 -11.57
C HIS A 27 4.12 11.44 -11.91
N GLY A 28 4.40 12.39 -11.01
CA GLY A 28 4.29 13.82 -11.30
C GLY A 28 3.24 14.61 -10.54
N LYS A 29 2.88 14.15 -9.34
CA LYS A 29 1.87 14.79 -8.49
C LYS A 29 2.26 16.24 -8.17
N THR A 30 3.51 16.43 -7.76
CA THR A 30 3.97 17.74 -7.31
C THR A 30 4.04 18.70 -8.50
N THR A 31 4.62 18.22 -9.60
CA THR A 31 4.75 19.03 -10.82
C THR A 31 3.35 19.44 -11.32
N LEU A 32 2.42 18.50 -11.29
CA LEU A 32 1.05 18.78 -11.71
C LEU A 32 0.33 19.82 -10.85
N LEU A 33 0.46 19.72 -9.52
CA LEU A 33 -0.08 20.76 -8.62
C LEU A 33 0.48 22.14 -8.95
N ASP A 34 1.81 22.21 -9.09
CA ASP A 34 2.51 23.47 -9.41
C ASP A 34 2.10 24.03 -10.78
N LYS A 35 2.00 23.16 -11.78
CA LYS A 35 1.55 23.61 -13.09
C LYS A 35 0.13 24.14 -13.09
N ILE A 36 -0.73 23.55 -12.26
CA ILE A 36 -2.12 23.99 -12.18
C ILE A 36 -2.15 25.38 -11.55
N ARG A 37 -1.39 25.56 -10.47
CA ARG A 37 -1.30 26.82 -9.79
C ARG A 37 -0.81 27.90 -10.73
N ARG A 38 0.35 27.69 -11.34
CA ARG A 38 0.91 28.66 -12.32
C ARG A 38 -0.07 29.03 -13.41
N THR A 39 -0.73 28.03 -14.01
CA THR A 39 -1.74 28.25 -15.04
C THR A 39 -2.88 29.13 -14.55
N ALA A 40 -3.34 28.87 -13.32
CA ALA A 40 -4.40 29.70 -12.70
C ALA A 40 -3.92 31.13 -12.53
N VAL A 41 -2.71 31.28 -12.00
CA VAL A 41 -2.13 32.61 -11.67
C VAL A 41 -1.91 33.42 -12.95
N ALA A 42 -1.37 32.77 -13.97
CA ALA A 42 -1.20 33.41 -15.29
C ALA A 42 -2.55 33.80 -15.90
N ALA A 43 -3.56 32.97 -15.76
CA ALA A 43 -4.87 33.24 -16.34
C ALA A 43 -5.64 34.37 -15.65
N LYS A 44 -5.35 34.59 -14.38
CA LYS A 44 -5.91 35.69 -13.60
C LYS A 44 -5.15 36.96 -14.02
N GLU A 45 -5.71 38.03 -14.60
CA GLU A 45 -7.12 38.45 -14.83
C GLU A 45 -7.04 39.94 -14.46
N ALA A 46 -7.23 40.25 -13.17
CA ALA A 46 -7.09 41.63 -12.64
C ALA A 46 -6.50 41.55 -11.22
N GLY A 47 -7.34 41.25 -10.22
CA GLY A 47 -6.85 41.05 -8.85
C GLY A 47 -6.31 39.63 -8.68
N GLY A 48 -5.33 39.47 -7.80
CA GLY A 48 -4.72 38.16 -7.55
C GLY A 48 -5.68 37.12 -6.97
N ILE A 49 -5.17 35.91 -6.79
CA ILE A 49 -5.97 34.81 -6.24
C ILE A 49 -5.74 34.76 -4.72
N THR A 50 -6.82 34.55 -3.96
CA THR A 50 -6.73 34.44 -2.50
C THR A 50 -5.81 33.27 -2.15
N GLN A 51 -4.84 33.55 -1.29
CA GLN A 51 -3.80 32.60 -0.95
C GLN A 51 -4.21 31.83 0.29
N HIS A 52 -3.90 30.52 0.35
CA HIS A 52 -4.21 29.65 1.52
C HIS A 52 -2.96 28.94 2.01
N ILE A 53 -3.02 28.42 3.24
CA ILE A 53 -1.93 27.61 3.80
C ILE A 53 -2.13 26.15 3.37
N GLY A 54 -1.11 25.57 2.73
CA GLY A 54 -1.11 24.16 2.28
C GLY A 54 -2.06 23.82 1.13
N ALA A 55 -2.50 24.84 0.40
CA ALA A 55 -3.60 24.71 -0.57
C ALA A 55 -3.64 25.89 -1.54
N SER A 56 -4.09 25.63 -2.76
CA SER A 56 -4.22 26.68 -3.77
C SER A 56 -5.61 26.66 -4.37
N ILE A 57 -6.22 27.84 -4.46
CA ILE A 57 -7.50 27.98 -5.12
C ILE A 57 -7.40 28.27 -6.62
N VAL A 58 -8.32 27.70 -7.40
CA VAL A 58 -8.52 28.09 -8.80
C VAL A 58 -9.95 28.62 -8.88
N PRO A 59 -10.12 29.94 -9.02
CA PRO A 59 -11.50 30.47 -8.99
C PRO A 59 -12.36 30.10 -10.20
N ALA A 60 -13.68 30.19 -10.05
CA ALA A 60 -14.63 29.84 -11.11
C ALA A 60 -14.33 30.53 -12.45
N ASP A 61 -14.09 31.85 -12.40
CA ASP A 61 -13.82 32.62 -13.62
C ASP A 61 -12.54 32.18 -14.33
N VAL A 62 -11.53 31.82 -13.54
CA VAL A 62 -10.26 31.34 -14.11
C VAL A 62 -10.43 29.99 -14.83
N ILE A 63 -11.23 29.09 -14.26
CA ILE A 63 -11.51 27.78 -14.88
C ILE A 63 -12.26 27.99 -16.21
N GLU A 64 -13.30 28.82 -16.17
CA GLU A 64 -14.06 29.19 -17.38
C GLU A 64 -13.16 29.78 -18.46
N LYS A 65 -12.20 30.62 -18.05
CA LYS A 65 -11.26 31.20 -19.01
C LYS A 65 -10.35 30.13 -19.59
N ILE A 66 -9.75 29.33 -18.71
CA ILE A 66 -8.87 28.22 -19.13
C ILE A 66 -9.64 27.26 -20.04
N ALA A 67 -10.91 27.01 -19.70
CA ALA A 67 -11.78 26.19 -20.55
C ALA A 67 -12.27 26.83 -21.87
N GLU A 68 -12.00 28.10 -22.13
CA GLU A 68 -12.60 28.76 -23.31
C GLU A 68 -12.35 28.06 -24.67
N PRO A 69 -11.09 27.65 -24.93
CA PRO A 69 -10.79 26.93 -26.16
C PRO A 69 -11.56 25.61 -26.32
N LEU A 70 -12.15 25.09 -25.25
CA LEU A 70 -13.03 23.93 -25.34
C LEU A 70 -14.50 24.27 -25.72
N LYS A 71 -14.83 25.56 -25.87
CA LYS A 71 -16.25 26.03 -25.99
C LYS A 71 -17.20 25.15 -26.80
N LYS A 72 -16.74 24.70 -27.96
CA LYS A 72 -17.55 23.92 -28.88
C LYS A 72 -17.84 22.49 -28.40
N VAL A 73 -16.79 21.79 -27.96
CA VAL A 73 -16.89 20.38 -27.53
C VAL A 73 -17.43 20.24 -26.11
N ILE A 74 -16.72 20.82 -25.12
CA ILE A 74 -17.09 20.74 -23.69
C ILE A 74 -17.34 22.17 -23.14
N PRO A 75 -18.61 22.67 -23.20
CA PRO A 75 -18.89 23.96 -22.54
C PRO A 75 -18.87 23.85 -21.01
N VAL A 76 -18.61 24.97 -20.33
CA VAL A 76 -18.55 25.01 -18.86
C VAL A 76 -19.15 26.31 -18.28
N LYS A 77 -20.32 26.18 -17.68
CA LYS A 77 -20.98 27.22 -16.89
C LYS A 77 -20.86 26.74 -15.46
N LEU A 78 -20.22 27.51 -14.59
CA LEU A 78 -19.95 27.04 -13.23
C LEU A 78 -20.87 27.64 -12.18
N VAL A 79 -21.36 26.78 -11.28
CA VAL A 79 -22.08 27.19 -10.06
C VAL A 79 -21.26 26.95 -8.78
N ILE A 80 -20.15 26.24 -8.87
CA ILE A 80 -19.17 26.24 -7.79
C ILE A 80 -18.37 27.54 -7.88
N PRO A 81 -17.90 28.06 -6.74
CA PRO A 81 -17.08 29.27 -6.78
C PRO A 81 -15.63 29.03 -7.21
N GLY A 82 -15.17 27.78 -7.25
CA GLY A 82 -13.77 27.46 -7.58
C GLY A 82 -13.39 26.10 -7.02
N LEU A 83 -12.12 25.72 -7.17
CA LEU A 83 -11.60 24.45 -6.65
C LEU A 83 -10.43 24.76 -5.71
N LEU A 84 -10.40 24.05 -4.58
CA LEU A 84 -9.27 24.13 -3.67
C LEU A 84 -8.44 22.84 -3.82
N PHE A 85 -7.23 23.00 -4.33
CA PHE A 85 -6.26 21.92 -4.46
C PHE A 85 -5.40 21.86 -3.21
N ILE A 86 -5.32 20.67 -2.60
CA ILE A 86 -4.42 20.50 -1.47
C ILE A 86 -3.02 20.37 -2.05
N ASP A 87 -2.08 21.12 -1.48
CA ASP A 87 -0.80 21.27 -2.12
C ASP A 87 0.22 20.26 -1.67
N THR A 88 -0.06 19.51 -0.61
CA THR A 88 0.76 18.39 -0.20
C THR A 88 0.14 17.15 -0.88
N PRO A 89 0.88 16.49 -1.79
CA PRO A 89 0.28 15.33 -2.47
C PRO A 89 0.50 14.00 -1.72
N GLY A 90 -0.09 12.92 -2.20
CA GLY A 90 0.26 11.59 -1.71
C GLY A 90 -0.66 11.03 -0.67
N HIS A 91 -0.32 9.83 -0.22
CA HIS A 91 -1.28 8.94 0.45
C HIS A 91 -1.37 9.07 1.97
N GLU A 92 -0.25 9.43 2.61
CA GLU A 92 -0.26 9.83 4.04
C GLU A 92 -1.09 11.11 4.25
N LEU A 93 -0.87 12.10 3.40
CA LEU A 93 -1.67 13.32 3.44
C LEU A 93 -3.15 13.01 3.26
N PHE A 94 -3.45 12.23 2.21
CA PHE A 94 -4.82 11.86 1.92
C PHE A 94 -5.47 11.16 3.11
N SER A 95 -4.74 10.28 3.76
CA SER A 95 -5.28 9.59 4.93
C SER A 95 -5.50 10.52 6.15
N ASN A 96 -4.72 11.59 6.25
CA ASN A 96 -4.91 12.58 7.33
C ASN A 96 -5.93 13.65 7.05
N LEU A 97 -6.41 13.69 5.82
CA LEU A 97 -7.45 14.61 5.36
C LEU A 97 -8.80 13.93 5.55
N ARG A 98 -9.14 13.81 6.83
CA ARG A 98 -10.15 12.90 7.32
C ARG A 98 -11.12 13.56 8.28
N ARG A 99 -12.34 13.04 8.30
CA ARG A 99 -13.32 13.34 9.34
C ARG A 99 -13.99 12.05 9.78
N ARG A 100 -14.84 12.11 10.79
CA ARG A 100 -15.48 10.90 11.28
C ARG A 100 -16.25 10.21 10.15
N GLY A 101 -15.93 8.93 9.93
CA GLY A 101 -16.59 8.13 8.90
C GLY A 101 -16.34 8.48 7.44
N GLY A 102 -15.32 9.28 7.13
CA GLY A 102 -14.97 9.53 5.72
C GLY A 102 -13.86 10.53 5.45
N SER A 103 -13.67 10.86 4.17
CA SER A 103 -12.67 11.85 3.77
C SER A 103 -13.23 13.28 3.83
N VAL A 104 -12.31 14.23 4.01
CA VAL A 104 -12.59 15.65 3.86
C VAL A 104 -12.42 16.09 2.39
N ALA A 105 -11.55 15.38 1.65
CA ALA A 105 -11.51 15.55 0.18
C ALA A 105 -12.86 15.24 -0.47
N ASP A 106 -13.21 16.01 -1.49
CA ASP A 106 -14.41 15.78 -2.28
C ASP A 106 -14.13 15.11 -3.64
N PHE A 107 -12.90 15.24 -4.15
CA PHE A 107 -12.50 14.63 -5.43
C PHE A 107 -10.99 14.39 -5.38
N ALA A 108 -10.54 13.36 -6.09
CA ALA A 108 -9.12 13.06 -6.24
C ALA A 108 -8.72 13.07 -7.71
N ILE A 109 -7.47 13.47 -7.96
CA ILE A 109 -6.79 13.17 -9.21
C ILE A 109 -5.79 12.05 -8.92
N LEU A 110 -5.97 10.91 -9.58
CA LEU A 110 -4.99 9.83 -9.54
C LEU A 110 -4.03 9.99 -10.71
N VAL A 111 -2.79 10.38 -10.41
CA VAL A 111 -1.80 10.59 -11.44
C VAL A 111 -1.15 9.24 -11.77
N VAL A 112 -1.07 8.92 -13.05
CA VAL A 112 -0.32 7.76 -13.54
C VAL A 112 0.63 8.27 -14.62
N ASP A 113 1.91 7.91 -14.53
CA ASP A 113 2.88 8.19 -15.56
C ASP A 113 2.53 7.33 -16.80
N ILE A 114 2.12 7.99 -17.89
CA ILE A 114 1.66 7.29 -19.09
C ILE A 114 2.73 6.34 -19.65
N MET A 115 4.00 6.67 -19.47
CA MET A 115 5.11 5.84 -19.95
C MET A 115 5.42 4.60 -19.09
N GLU A 116 4.98 4.61 -17.84
CA GLU A 116 5.22 3.50 -16.91
C GLU A 116 3.97 2.65 -16.66
N GLY A 117 2.79 3.26 -16.72
CA GLY A 117 1.56 2.58 -16.36
C GLY A 117 1.46 2.39 -14.86
N PHE A 118 0.56 1.54 -14.43
CA PHE A 118 0.33 1.29 -13.00
C PHE A 118 1.59 0.79 -12.29
N LYS A 119 1.88 1.34 -11.10
CA LYS A 119 2.94 0.83 -10.23
C LYS A 119 2.31 0.50 -8.87
N PRO A 120 3.07 -0.10 -7.95
CA PRO A 120 2.47 -0.53 -6.66
C PRO A 120 1.64 0.54 -5.88
N GLN A 121 2.15 1.75 -5.78
CA GLN A 121 1.38 2.84 -5.17
C GLN A 121 0.09 3.26 -5.92
N THR A 122 0.05 3.05 -7.25
CA THR A 122 -1.21 3.22 -7.98
C THR A 122 -2.34 2.33 -7.44
N TYR A 123 -2.03 1.06 -7.16
CA TYR A 123 -3.00 0.18 -6.49
C TYR A 123 -3.31 0.64 -5.04
N GLU A 124 -2.31 1.11 -4.31
CA GLU A 124 -2.58 1.71 -2.97
C GLU A 124 -3.63 2.82 -3.06
N ALA A 125 -3.47 3.68 -4.08
CA ALA A 125 -4.37 4.80 -4.28
C ALA A 125 -5.78 4.33 -4.53
N LEU A 126 -5.95 3.36 -5.44
CA LEU A 126 -7.25 2.80 -5.71
C LEU A 126 -7.93 2.20 -4.47
N GLU A 127 -7.18 1.49 -3.64
CA GLU A 127 -7.75 1.01 -2.38
C GLU A 127 -8.20 2.14 -1.45
N LEU A 128 -7.36 3.16 -1.29
CA LEU A 128 -7.69 4.28 -0.39
C LEU A 128 -8.93 4.99 -0.88
N LEU A 129 -9.03 5.12 -2.21
CA LEU A 129 -10.18 5.78 -2.85
C LEU A 129 -11.50 5.02 -2.69
N LYS A 130 -11.49 3.70 -2.88
CA LYS A 130 -12.72 2.93 -2.67
C LYS A 130 -13.03 2.89 -1.17
N GLU A 131 -12.00 2.62 -0.37
CA GLU A 131 -12.20 2.53 1.11
C GLU A 131 -12.99 3.71 1.65
N ARG A 132 -12.53 4.92 1.32
CA ARG A 132 -13.19 6.14 1.76
C ARG A 132 -14.22 6.74 0.77
N ARG A 133 -14.50 6.04 -0.35
CA ARG A 133 -15.58 6.40 -1.30
C ARG A 133 -15.41 7.80 -1.92
N VAL A 134 -14.17 8.17 -2.17
CA VAL A 134 -13.83 9.42 -2.82
C VAL A 134 -13.87 9.22 -4.34
N PRO A 135 -14.71 10.00 -5.04
CA PRO A 135 -14.69 9.96 -6.51
C PRO A 135 -13.41 10.54 -7.12
N PHE A 136 -13.06 10.10 -8.32
CA PHE A 136 -11.80 10.49 -8.93
C PHE A 136 -11.77 10.39 -10.44
N LEU A 137 -10.70 10.93 -11.02
CA LEU A 137 -10.38 10.77 -12.43
C LEU A 137 -8.92 10.41 -12.48
N ILE A 138 -8.46 9.90 -13.63
CA ILE A 138 -7.07 9.59 -13.80
C ILE A 138 -6.44 10.66 -14.68
N ALA A 139 -5.31 11.19 -14.24
CA ALA A 139 -4.49 12.09 -15.01
C ALA A 139 -3.32 11.25 -15.53
N ALA A 140 -3.35 10.94 -16.84
CA ALA A 140 -2.31 10.16 -17.49
C ALA A 140 -1.22 11.10 -17.93
N ASN A 141 -0.24 11.21 -17.05
CA ASN A 141 0.74 12.25 -17.12
C ASN A 141 2.01 11.88 -17.92
N LYS A 142 2.73 12.94 -18.30
CA LYS A 142 4.00 12.89 -19.01
C LYS A 142 3.82 12.49 -20.50
N ILE A 143 2.71 12.88 -21.11
CA ILE A 143 2.50 12.60 -22.55
C ILE A 143 3.57 13.17 -23.45
N ASP A 144 4.17 14.29 -23.02
CA ASP A 144 5.30 14.89 -23.71
C ASP A 144 6.54 14.04 -23.80
N ARG A 145 6.64 12.99 -22.98
CA ARG A 145 7.75 12.03 -23.08
C ARG A 145 7.53 10.93 -24.12
N ILE A 146 6.39 10.90 -24.79
CA ILE A 146 6.16 9.90 -25.87
C ILE A 146 7.15 10.19 -27.00
N PRO A 147 7.94 9.17 -27.44
CA PRO A 147 8.92 9.45 -28.51
C PRO A 147 8.30 10.12 -29.74
N GLY A 148 8.88 11.23 -30.19
CA GLY A 148 8.39 11.98 -31.35
C GLY A 148 7.32 13.02 -31.04
N TRP A 149 6.97 13.17 -29.76
CA TRP A 149 6.02 14.22 -29.33
C TRP A 149 6.55 15.61 -29.74
N LYS A 150 5.64 16.45 -30.23
CA LYS A 150 5.97 17.81 -30.66
C LYS A 150 5.04 18.70 -29.85
N PRO A 151 5.57 19.34 -28.79
CA PRO A 151 4.66 19.96 -27.83
C PRO A 151 3.98 21.22 -28.35
N ASN A 152 2.73 21.39 -27.95
CA ASN A 152 1.99 22.64 -28.09
C ASN A 152 1.65 23.14 -26.66
N PRO A 153 2.58 23.87 -26.02
CA PRO A 153 2.41 24.18 -24.59
C PRO A 153 1.07 24.82 -24.19
N ASP A 154 0.52 24.36 -23.07
CA ASP A 154 -0.79 24.84 -22.54
C ASP A 154 -2.02 24.55 -23.34
N ALA A 155 -1.88 23.78 -24.42
CA ALA A 155 -2.97 23.52 -25.33
C ALA A 155 -3.89 22.41 -24.80
N PRO A 156 -5.20 22.51 -25.09
CA PRO A 156 -6.05 21.40 -24.74
C PRO A 156 -5.55 20.07 -25.34
N PHE A 157 -5.77 18.97 -24.63
CA PHE A 157 -5.39 17.67 -25.12
C PHE A 157 -5.97 17.42 -26.50
N ILE A 158 -7.26 17.74 -26.67
CA ILE A 158 -7.95 17.48 -27.91
C ILE A 158 -7.35 18.23 -29.09
N GLU A 159 -6.72 19.39 -28.83
CA GLU A 159 -6.09 20.12 -29.91
C GLU A 159 -4.69 19.58 -30.20
N THR A 160 -3.87 19.46 -29.18
CA THR A 160 -2.49 19.01 -29.42
C THR A 160 -2.37 17.58 -29.99
N ILE A 161 -3.26 16.67 -29.62
CA ILE A 161 -3.22 15.29 -30.11
C ILE A 161 -3.39 15.24 -31.65
N ARG A 162 -4.21 16.14 -32.19
CA ARG A 162 -4.38 16.29 -33.66
C ARG A 162 -3.20 16.89 -34.39
N ARG A 163 -2.28 17.49 -33.64
CA ARG A 163 -1.05 18.05 -34.20
C ARG A 163 0.13 17.12 -34.00
N GLN A 164 -0.09 15.88 -33.57
CA GLN A 164 0.98 14.88 -33.50
C GLN A 164 0.96 13.93 -34.70
N ASP A 165 2.14 13.38 -34.96
CA ASP A 165 2.32 12.40 -36.00
C ASP A 165 1.56 11.10 -35.70
N PRO A 166 1.11 10.40 -36.75
CA PRO A 166 0.31 9.19 -36.54
C PRO A 166 0.92 8.19 -35.54
N LYS A 167 2.23 7.98 -35.60
CA LYS A 167 2.91 7.05 -34.69
C LYS A 167 2.85 7.48 -33.23
N VAL A 168 2.95 8.79 -32.99
CA VAL A 168 2.87 9.34 -31.65
C VAL A 168 1.47 9.08 -31.07
N ARG A 169 0.43 9.37 -31.86
CA ARG A 169 -0.94 9.10 -31.46
C ARG A 169 -1.21 7.60 -31.22
N GLU A 170 -0.55 6.75 -32.01
CA GLU A 170 -0.63 5.28 -31.82
C GLU A 170 -0.09 4.86 -30.44
N ILE A 171 1.08 5.37 -30.07
CA ILE A 171 1.70 5.09 -28.76
C ILE A 171 0.81 5.56 -27.61
N LEU A 172 0.29 6.78 -27.71
CA LEU A 172 -0.62 7.33 -26.70
C LEU A 172 -1.81 6.41 -26.52
N GLU A 173 -2.40 5.97 -27.63
CA GLU A 173 -3.54 5.07 -27.59
C GLU A 173 -3.18 3.73 -26.91
N GLN A 174 -1.98 3.20 -27.22
CA GLN A 174 -1.47 1.99 -26.57
C GLN A 174 -1.30 2.15 -25.08
N ARG A 175 -0.70 3.27 -24.67
CA ARG A 175 -0.45 3.55 -23.25
C ARG A 175 -1.71 3.86 -22.46
N VAL A 176 -2.67 4.54 -23.07
CA VAL A 176 -3.99 4.71 -22.46
C VAL A 176 -4.69 3.36 -22.27
N TYR A 177 -4.59 2.48 -23.26
CA TYR A 177 -5.24 1.18 -23.10
C TYR A 177 -4.62 0.39 -21.94
N GLU A 178 -3.30 0.45 -21.75
CA GLU A 178 -2.65 -0.18 -20.59
C GLU A 178 -3.31 0.22 -19.27
N ILE A 179 -3.68 1.49 -19.15
CA ILE A 179 -4.36 2.01 -17.98
C ILE A 179 -5.80 1.49 -17.94
N VAL A 180 -6.49 1.59 -19.06
CA VAL A 180 -7.87 1.09 -19.19
C VAL A 180 -7.96 -0.40 -18.76
N GLY A 181 -6.98 -1.19 -19.19
CA GLY A 181 -6.93 -2.63 -18.93
C GLY A 181 -6.87 -2.91 -17.45
N LYS A 182 -5.90 -2.27 -16.80
CA LYS A 182 -5.72 -2.39 -15.35
C LYS A 182 -6.97 -1.97 -14.56
N MET A 183 -7.64 -0.92 -15.03
CA MET A 183 -8.85 -0.46 -14.37
C MET A 183 -10.00 -1.46 -14.50
N TYR A 184 -10.30 -1.92 -15.73
CA TYR A 184 -11.35 -2.96 -15.90
C TYR A 184 -11.04 -4.20 -15.05
N GLU A 185 -9.77 -4.61 -15.03
CA GLU A 185 -9.32 -5.74 -14.22
C GLU A 185 -9.63 -5.54 -12.74
N ALA A 186 -9.45 -4.30 -12.26
CA ALA A 186 -9.72 -3.95 -10.87
C ALA A 186 -11.20 -3.74 -10.54
N GLY A 187 -12.10 -3.92 -11.49
CA GLY A 187 -13.52 -3.72 -11.23
C GLY A 187 -14.01 -2.30 -11.42
N LEU A 188 -13.19 -1.45 -12.03
CA LEU A 188 -13.49 -0.01 -12.14
C LEU A 188 -13.43 0.44 -13.60
N PRO A 189 -14.56 0.34 -14.34
CA PRO A 189 -14.56 0.75 -15.76
C PRO A 189 -14.03 2.17 -15.94
N ALA A 190 -13.16 2.36 -16.93
CA ALA A 190 -12.50 3.65 -17.16
C ALA A 190 -12.19 3.80 -18.65
N GLU A 191 -12.27 5.02 -19.16
CA GLU A 191 -12.04 5.28 -20.60
C GLU A 191 -11.39 6.63 -20.81
N LEU A 192 -10.82 6.84 -22.00
CA LEU A 192 -10.34 8.16 -22.40
C LEU A 192 -11.56 9.06 -22.24
N PHE A 193 -11.37 10.23 -21.62
CA PHE A 193 -12.49 11.11 -21.26
C PHE A 193 -13.41 11.52 -22.41
N THR A 194 -12.84 11.70 -23.59
CA THR A 194 -13.58 12.00 -24.81
C THR A 194 -14.67 10.94 -25.17
N ARG A 195 -14.48 9.68 -24.81
CA ARG A 195 -15.40 8.59 -25.21
C ARG A 195 -16.50 8.25 -24.19
N ILE A 196 -16.57 8.99 -23.10
CA ILE A 196 -17.51 8.71 -22.04
C ILE A 196 -18.79 9.51 -22.30
N LYS A 197 -19.95 8.87 -22.15
CA LYS A 197 -21.24 9.54 -22.21
C LYS A 197 -21.80 9.75 -20.80
N ASP A 198 -21.81 8.69 -20.01
CA ASP A 198 -22.31 8.72 -18.67
C ASP A 198 -21.15 8.68 -17.66
N PHE A 199 -20.82 9.85 -17.09
CA PHE A 199 -19.72 9.95 -16.12
C PHE A 199 -20.05 9.36 -14.72
N ARG A 200 -21.29 8.92 -14.49
CA ARG A 200 -21.59 8.01 -13.39
C ARG A 200 -21.00 6.61 -13.63
N ARG A 201 -20.98 6.15 -14.88
CA ARG A 201 -20.68 4.74 -15.19
C ARG A 201 -19.20 4.47 -15.43
N LYS A 202 -18.41 5.50 -15.72
CA LYS A 202 -17.04 5.28 -16.14
C LYS A 202 -16.13 6.37 -15.60
N ILE A 203 -14.95 5.96 -15.13
CA ILE A 203 -13.90 6.89 -14.65
C ILE A 203 -13.21 7.54 -15.86
N ALA A 204 -13.03 8.85 -15.80
CA ALA A 204 -12.39 9.60 -16.89
C ALA A 204 -10.86 9.46 -16.87
N ILE A 205 -10.24 9.18 -18.02
CA ILE A 205 -8.77 9.24 -18.16
C ILE A 205 -8.42 10.47 -19.00
N VAL A 206 -7.74 11.42 -18.37
CA VAL A 206 -7.32 12.67 -19.03
C VAL A 206 -5.80 12.67 -19.29
N PRO A 207 -5.37 12.57 -20.56
CA PRO A 207 -3.94 12.64 -20.82
C PRO A 207 -3.47 14.09 -20.65
N VAL A 208 -2.33 14.28 -19.99
CA VAL A 208 -1.82 15.61 -19.64
C VAL A 208 -0.30 15.57 -19.59
N SER A 209 0.30 16.75 -19.56
CA SER A 209 1.72 16.95 -19.26
C SER A 209 1.79 18.04 -18.22
N ALA A 210 2.13 17.65 -17.00
CA ALA A 210 2.42 18.60 -15.93
C ALA A 210 3.58 19.52 -16.33
N ARG A 211 4.45 19.08 -17.24
CA ARG A 211 5.56 19.90 -17.71
C ARG A 211 5.18 20.96 -18.76
N THR A 212 4.42 20.59 -19.80
CA THR A 212 4.12 21.52 -20.89
C THR A 212 2.78 22.19 -20.74
N GLY A 213 1.94 21.72 -19.81
CA GLY A 213 0.55 22.23 -19.71
C GLY A 213 -0.50 21.65 -20.64
N GLU A 214 -0.08 20.75 -21.57
CA GLU A 214 -1.03 20.07 -22.47
C GLU A 214 -2.06 19.29 -21.70
N GLY A 215 -3.34 19.52 -22.00
CA GLY A 215 -4.39 18.78 -21.34
C GLY A 215 -4.85 19.35 -20.00
N ILE A 216 -4.17 20.38 -19.50
CA ILE A 216 -4.61 21.01 -18.28
C ILE A 216 -6.03 21.60 -18.45
N PRO A 217 -6.35 22.15 -19.63
CA PRO A 217 -7.72 22.71 -19.75
C PRO A 217 -8.82 21.68 -19.56
N GLU A 218 -8.68 20.49 -20.15
CA GLU A 218 -9.70 19.48 -19.95
C GLU A 218 -9.68 18.93 -18.56
N LEU A 219 -8.48 18.80 -17.98
CA LEU A 219 -8.34 18.35 -16.57
C LEU A 219 -9.21 19.18 -15.66
N LEU A 220 -9.11 20.49 -15.79
CA LEU A 220 -9.83 21.41 -14.94
C LEU A 220 -11.32 21.45 -15.25
N ALA A 221 -11.65 21.49 -16.53
CA ALA A 221 -13.05 21.47 -16.94
C ALA A 221 -13.76 20.18 -16.52
N VAL A 222 -13.08 19.04 -16.60
CA VAL A 222 -13.66 17.77 -16.20
C VAL A 222 -13.83 17.71 -14.67
N LEU A 223 -12.79 18.10 -13.95
CA LEU A 223 -12.89 18.23 -12.47
C LEU A 223 -14.11 19.07 -12.05
N ALA A 224 -14.16 20.29 -12.58
CA ALA A 224 -15.23 21.23 -12.28
C ALA A 224 -16.61 20.67 -12.58
N GLY A 225 -16.76 20.05 -13.75
CA GLY A 225 -18.05 19.49 -14.20
C GLY A 225 -18.54 18.33 -13.34
N LEU A 226 -17.63 17.41 -13.06
CA LEU A 226 -17.95 16.25 -12.24
C LEU A 226 -18.26 16.64 -10.80
N THR A 227 -17.54 17.61 -10.24
CA THR A 227 -17.78 17.99 -8.85
C THR A 227 -19.12 18.73 -8.74
N GLN A 228 -19.33 19.74 -9.56
CA GLN A 228 -20.55 20.54 -9.43
C GLN A 228 -21.81 19.75 -9.79
N THR A 229 -21.69 18.80 -10.70
CA THR A 229 -22.85 17.99 -11.13
C THR A 229 -23.33 17.03 -10.05
N TYR A 230 -22.40 16.28 -9.44
CA TYR A 230 -22.74 15.18 -8.53
C TYR A 230 -22.59 15.48 -7.04
N LEU A 231 -21.87 16.53 -6.68
CA LEU A 231 -21.54 16.74 -5.25
C LEU A 231 -22.21 17.92 -4.61
N LYS A 232 -23.27 18.44 -5.24
CA LYS A 232 -23.95 19.63 -4.74
C LYS A 232 -24.27 19.61 -3.24
N GLU A 233 -24.73 18.47 -2.74
CA GLU A 233 -25.16 18.37 -1.35
C GLU A 233 -23.99 18.43 -0.40
N ARG A 234 -22.97 17.65 -0.71
CA ARG A 234 -21.71 17.65 0.02
C ARG A 234 -21.01 19.02 0.05
N LEU A 235 -21.15 19.79 -1.03
CA LEU A 235 -20.48 21.09 -1.19
C LEU A 235 -21.25 22.26 -0.61
N ARG A 236 -22.45 22.03 -0.09
CA ARG A 236 -23.28 23.11 0.39
C ARG A 236 -22.64 23.72 1.63
N TYR A 237 -22.54 25.04 1.65
CA TYR A 237 -22.01 25.75 2.80
C TYR A 237 -23.13 26.04 3.78
N ALA A 238 -22.92 25.67 5.04
CA ALA A 238 -23.81 26.01 6.16
C ALA A 238 -23.09 26.96 7.10
N GLU A 239 -23.74 28.09 7.41
CA GLU A 239 -23.16 29.09 8.32
C GLU A 239 -23.17 28.53 9.74
N GLY A 240 -22.03 28.60 10.39
CA GLY A 240 -21.88 28.08 11.75
C GLY A 240 -20.42 27.95 12.09
N PRO A 241 -20.13 27.49 13.31
CA PRO A 241 -18.75 27.38 13.72
C PRO A 241 -17.96 26.35 12.91
N ALA A 242 -16.71 26.69 12.63
CA ALA A 242 -15.80 25.86 11.83
C ALA A 242 -15.75 24.38 12.22
N LYS A 243 -15.77 23.50 11.21
CA LYS A 243 -15.33 22.12 11.37
C LYS A 243 -14.11 21.93 10.47
N GLY A 244 -13.07 21.29 10.99
CA GLY A 244 -11.87 21.09 10.23
C GLY A 244 -11.04 19.94 10.71
N VAL A 245 -9.91 19.77 10.03
CA VAL A 245 -8.95 18.73 10.36
C VAL A 245 -7.55 19.29 10.30
N VAL A 246 -6.70 18.81 11.20
CA VAL A 246 -5.31 19.25 11.33
C VAL A 246 -4.47 18.31 10.47
N LEU A 247 -3.70 18.90 9.56
CA LEU A 247 -2.77 18.17 8.74
C LEU A 247 -1.36 18.18 9.30
N GLU A 248 -0.93 19.29 9.91
CA GLU A 248 0.46 19.42 10.34
C GLU A 248 0.55 20.24 11.61
N VAL A 249 1.46 19.85 12.48
CA VAL A 249 1.77 20.59 13.71
C VAL A 249 3.23 20.98 13.59
N LYS A 250 3.55 22.26 13.79
CA LYS A 250 4.95 22.70 13.67
C LYS A 250 5.21 24.03 14.33
N GLU A 251 6.50 24.35 14.46
CA GLU A 251 6.97 25.62 14.99
C GLU A 251 6.91 26.70 13.93
N MET A 252 6.57 27.92 14.33
CA MET A 252 6.66 29.07 13.45
C MET A 252 7.22 30.21 14.26
N GLN A 253 8.27 30.85 13.75
CA GLN A 253 8.88 31.98 14.45
C GLN A 253 7.90 33.10 14.69
N GLY A 254 7.76 33.47 15.97
CA GLY A 254 6.88 34.54 16.38
C GLY A 254 5.45 34.13 16.70
N PHE A 255 5.14 32.83 16.60
CA PHE A 255 3.83 32.31 16.98
C PHE A 255 3.83 31.00 17.79
N GLY A 256 4.98 30.41 18.08
CA GLY A 256 5.03 29.14 18.80
C GLY A 256 4.64 27.94 17.94
N THR A 257 3.97 26.97 18.55
CA THR A 257 3.50 25.77 17.84
C THR A 257 2.18 26.06 17.17
N VAL A 258 2.16 26.00 15.85
CA VAL A 258 0.96 26.28 15.07
C VAL A 258 0.41 24.97 14.52
N VAL A 259 -0.85 24.96 14.16
CA VAL A 259 -1.41 23.88 13.33
C VAL A 259 -1.78 24.39 11.94
N ASP A 260 -1.55 23.55 10.93
CA ASP A 260 -2.02 23.82 9.57
C ASP A 260 -3.18 22.89 9.28
N ALA A 261 -4.34 23.49 9.02
CA ALA A 261 -5.60 22.80 8.97
C ALA A 261 -6.34 23.09 7.68
N VAL A 262 -7.29 22.20 7.38
CA VAL A 262 -8.28 22.42 6.36
C VAL A 262 -9.65 22.54 7.05
N ILE A 263 -10.33 23.65 6.77
CA ILE A 263 -11.68 23.92 7.21
C ILE A 263 -12.64 23.52 6.09
N TYR A 264 -13.52 22.58 6.40
CA TYR A 264 -14.42 21.98 5.43
C TYR A 264 -15.88 22.36 5.65
N ASP A 265 -16.19 23.01 6.77
CA ASP A 265 -17.54 23.60 6.95
C ASP A 265 -17.48 24.77 7.92
N GLY A 266 -18.39 25.73 7.75
CA GLY A 266 -18.47 26.88 8.65
C GLY A 266 -17.40 27.94 8.52
N VAL A 267 -17.21 28.69 9.61
CA VAL A 267 -16.29 29.83 9.64
C VAL A 267 -15.46 29.76 10.92
N LEU A 268 -14.16 29.99 10.78
CA LEU A 268 -13.28 30.06 11.93
C LEU A 268 -12.85 31.51 12.02
N LYS A 269 -12.79 32.05 13.23
CA LYS A 269 -12.49 33.48 13.47
C LYS A 269 -11.44 33.64 14.55
N LYS A 270 -10.63 34.70 14.42
CA LYS A 270 -9.75 35.16 15.48
C LYS A 270 -10.60 35.24 16.77
N GLU A 271 -10.01 34.87 17.89
CA GLU A 271 -10.69 34.80 19.20
C GLU A 271 -11.64 33.62 19.44
N ASP A 272 -11.91 32.80 18.43
CA ASP A 272 -12.78 31.64 18.63
C ASP A 272 -12.15 30.67 19.61
N ILE A 273 -12.97 30.11 20.48
CA ILE A 273 -12.57 28.94 21.26
C ILE A 273 -12.49 27.78 20.26
N ILE A 274 -11.41 27.01 20.29
CA ILE A 274 -11.35 25.78 19.52
C ILE A 274 -11.17 24.54 20.40
N VAL A 275 -11.67 23.41 19.91
CA VAL A 275 -11.49 22.10 20.57
C VAL A 275 -10.73 21.26 19.54
N VAL A 276 -9.58 20.73 19.92
CA VAL A 276 -8.79 19.93 18.97
C VAL A 276 -8.24 18.67 19.63
N GLY A 277 -8.26 17.57 18.88
CA GLY A 277 -7.77 16.28 19.35
C GLY A 277 -6.27 16.27 19.62
N GLY A 278 -5.87 15.80 20.81
CA GLY A 278 -4.46 15.73 21.22
C GLY A 278 -4.14 14.38 21.80
N ARG A 279 -2.84 14.09 22.00
CA ARG A 279 -2.41 12.77 22.47
C ARG A 279 -3.08 12.37 23.81
N GLU A 280 -3.31 13.33 24.70
CA GLU A 280 -3.85 13.06 26.04
C GLU A 280 -5.35 13.36 26.16
N GLY A 281 -5.96 13.77 25.06
CA GLY A 281 -7.37 14.07 25.06
C GLY A 281 -7.66 15.35 24.32
N PRO A 282 -8.92 15.78 24.32
CA PRO A 282 -9.32 16.93 23.59
C PRO A 282 -8.79 18.20 24.26
N ILE A 283 -8.06 19.00 23.48
CA ILE A 283 -7.48 20.28 23.96
C ILE A 283 -8.48 21.39 23.71
N VAL A 284 -8.73 22.23 24.73
CA VAL A 284 -9.56 23.42 24.56
C VAL A 284 -8.71 24.68 24.70
N THR A 285 -8.66 25.46 23.63
CA THR A 285 -7.83 26.64 23.58
C THR A 285 -8.56 27.75 22.84
N ARG A 286 -7.88 28.84 22.58
CA ARG A 286 -8.52 29.96 21.89
C ARG A 286 -7.58 30.50 20.85
N VAL A 287 -8.12 30.81 19.67
CA VAL A 287 -7.34 31.31 18.54
C VAL A 287 -6.80 32.72 18.87
N ARG A 288 -5.48 32.83 18.86
CA ARG A 288 -4.78 34.11 18.92
C ARG A 288 -4.60 34.70 17.52
N ALA A 289 -4.34 33.88 16.50
CA ALA A 289 -4.18 34.39 15.15
C ALA A 289 -4.51 33.34 14.12
N LEU A 290 -5.04 33.80 12.99
CA LEU A 290 -5.27 32.98 11.79
C LEU A 290 -4.33 33.55 10.76
N LEU A 291 -3.39 32.74 10.29
CA LEU A 291 -2.40 33.13 9.30
C LEU A 291 -2.63 32.53 7.91
N MET A 292 -2.43 33.35 6.89
CA MET A 292 -2.50 32.99 5.48
C MET A 292 -1.28 33.58 4.75
N PRO A 293 -0.89 33.03 3.59
CA PRO A 293 0.22 33.69 2.91
C PRO A 293 -0.19 35.10 2.43
N ALA A 294 0.76 36.04 2.42
CA ALA A 294 0.47 37.40 1.93
C ALA A 294 0.03 37.37 0.44
N PRO A 295 -0.79 38.35 -0.01
CA PRO A 295 -1.13 38.39 -1.45
C PRO A 295 0.12 38.46 -2.33
N LEU A 296 0.10 37.72 -3.43
CA LEU A 296 1.24 37.65 -4.36
C LEU A 296 1.55 38.98 -5.06
N GLN A 297 0.55 39.82 -5.25
CA GLN A 297 0.72 41.12 -5.92
C GLN A 297 1.62 42.05 -5.05
N ASP A 298 1.46 41.94 -3.72
CA ASP A 298 2.12 42.78 -2.71
C ASP A 298 3.62 42.78 -2.93
N ILE A 299 4.24 43.96 -3.05
CA ILE A 299 5.71 44.05 -3.24
C ILE A 299 6.55 43.44 -2.12
N ARG A 300 5.98 43.29 -0.92
CA ARG A 300 6.71 42.73 0.20
C ARG A 300 6.64 41.20 0.23
N SER A 301 6.00 40.60 -0.78
CA SER A 301 5.90 39.14 -0.93
C SER A 301 7.05 38.47 -1.68
N ARG A 302 8.08 39.22 -2.10
CA ARG A 302 9.35 38.58 -2.54
C ARG A 302 9.93 37.85 -1.32
N GLU A 303 9.89 38.52 -0.18
CA GLU A 303 10.03 37.89 1.13
C GLU A 303 8.85 36.89 1.32
N ALA A 304 9.16 35.68 1.81
CA ALA A 304 8.14 34.66 2.13
C ALA A 304 7.36 35.11 3.36
N ARG A 305 6.11 35.53 3.13
CA ARG A 305 5.42 36.46 4.00
C ARG A 305 4.00 35.96 4.34
N PHE A 306 3.58 36.19 5.58
CA PHE A 306 2.25 35.81 6.07
C PHE A 306 1.53 37.03 6.60
N VAL A 307 0.21 36.97 6.52
CA VAL A 307 -0.65 38.04 7.01
C VAL A 307 -1.69 37.40 7.91
N GLN A 308 -2.11 38.13 8.94
CA GLN A 308 -3.18 37.68 9.80
C GLN A 308 -4.51 38.07 9.16
N VAL A 309 -5.51 37.21 9.30
CA VAL A 309 -6.87 37.49 8.85
C VAL A 309 -7.85 37.35 10.03
N ASP A 310 -8.99 38.01 9.90
CA ASP A 310 -10.03 37.96 10.91
C ASP A 310 -10.75 36.61 10.93
N ARG A 311 -10.88 36.00 9.75
CA ARG A 311 -11.67 34.81 9.59
C ARG A 311 -11.34 34.07 8.31
N VAL A 312 -11.63 32.79 8.30
CA VAL A 312 -11.64 32.02 7.06
C VAL A 312 -12.93 31.21 7.01
N TYR A 313 -13.42 31.01 5.79
CA TYR A 313 -14.59 30.18 5.50
C TYR A 313 -14.20 28.90 4.78
N ALA A 314 -14.99 27.85 4.99
CA ALA A 314 -14.90 26.62 4.22
C ALA A 314 -15.12 26.96 2.74
N ALA A 315 -14.29 26.44 1.84
CA ALA A 315 -13.17 25.54 2.13
C ALA A 315 -11.92 26.39 2.27
N ALA A 316 -11.10 26.15 3.29
CA ALA A 316 -9.86 26.89 3.48
C ALA A 316 -8.73 26.02 4.00
N GLY A 317 -7.53 26.30 3.52
CA GLY A 317 -6.26 25.94 4.15
C GLY A 317 -5.80 27.11 5.01
N VAL A 318 -5.60 26.88 6.30
CA VAL A 318 -5.32 27.97 7.24
C VAL A 318 -4.33 27.54 8.30
N ARG A 319 -3.51 28.50 8.74
CA ARG A 319 -2.59 28.24 9.83
C ARG A 319 -3.14 28.88 11.11
N ILE A 320 -3.16 28.11 12.21
CA ILE A 320 -3.79 28.57 13.45
C ILE A 320 -2.75 28.65 14.55
N ALA A 321 -2.61 29.84 15.11
CA ALA A 321 -1.84 30.09 16.34
C ALA A 321 -2.76 30.17 17.56
N ALA A 322 -2.45 29.35 18.55
CA ALA A 322 -3.18 29.23 19.79
C ALA A 322 -2.29 28.47 20.76
N PRO A 323 -2.34 28.82 22.05
CA PRO A 323 -1.46 28.14 22.98
C PRO A 323 -1.95 26.74 23.27
N GLY A 324 -1.00 25.89 23.61
CA GLY A 324 -1.29 24.55 24.10
C GLY A 324 -1.48 23.52 23.02
N LEU A 325 -0.96 23.77 21.80
CA LEU A 325 -1.17 22.83 20.66
C LEU A 325 -0.07 21.80 20.46
N ASP A 326 0.93 21.79 21.32
CA ASP A 326 2.08 20.88 21.21
C ASP A 326 1.68 19.41 21.08
N ASP A 327 0.65 18.97 21.81
CA ASP A 327 0.22 17.57 21.83
C ASP A 327 -0.79 17.18 20.72
N VAL A 328 -1.05 18.08 19.76
CA VAL A 328 -1.92 17.76 18.65
C VAL A 328 -1.26 16.72 17.70
N ILE A 329 -2.08 15.89 17.11
CA ILE A 329 -1.57 14.89 16.21
C ILE A 329 -2.25 15.08 14.86
N ALA A 330 -1.48 14.89 13.81
CA ALA A 330 -1.99 14.97 12.44
C ALA A 330 -3.20 14.03 12.27
N GLY A 331 -4.22 14.56 11.62
CA GLY A 331 -5.45 13.84 11.41
C GLY A 331 -6.51 14.10 12.46
N SER A 332 -6.24 14.99 13.43
CA SER A 332 -7.18 15.25 14.51
C SER A 332 -8.23 16.22 14.02
N PRO A 333 -9.46 16.04 14.48
CA PRO A 333 -10.46 17.04 14.19
C PRO A 333 -10.21 18.35 14.98
N ILE A 334 -10.71 19.45 14.44
CA ILE A 334 -10.66 20.72 15.12
C ILE A 334 -12.01 21.39 14.91
N TYR A 335 -12.63 21.82 15.99
CA TYR A 335 -13.93 22.47 15.96
C TYR A 335 -13.88 23.82 16.64
N ALA A 336 -14.46 24.84 16.03
CA ALA A 336 -14.72 26.10 16.73
C ALA A 336 -15.90 25.91 17.65
N ALA A 337 -15.87 26.57 18.80
CA ALA A 337 -16.97 26.53 19.77
C ALA A 337 -17.40 27.95 20.07
N GLU A 338 -18.71 28.19 20.05
CA GLU A 338 -19.26 29.54 20.33
C GLU A 338 -19.30 29.90 21.82
N SER A 339 -19.17 28.91 22.69
CA SER A 339 -19.29 29.12 24.14
C SER A 339 -18.58 28.00 24.84
N GLU A 340 -18.29 28.17 26.12
CA GLU A 340 -17.74 27.05 26.90
C GLU A 340 -18.67 25.82 26.87
N GLU A 341 -19.99 26.03 26.88
CA GLU A 341 -20.95 24.94 26.87
C GLU A 341 -20.81 24.14 25.61
N GLU A 342 -20.75 24.84 24.47
CA GLU A 342 -20.55 24.17 23.20
C GLU A 342 -19.19 23.44 23.17
N ALA A 343 -18.14 24.03 23.76
CA ALA A 343 -16.83 23.34 23.76
C ALA A 343 -16.89 22.03 24.56
N ARG A 344 -17.56 22.05 25.72
CA ARG A 344 -17.73 20.82 26.48
C ARG A 344 -18.40 19.72 25.65
N LYS A 345 -19.46 20.04 24.89
CA LYS A 345 -20.11 19.05 23.97
C LYS A 345 -19.17 18.56 22.89
N LEU A 346 -18.40 19.49 22.33
CA LEU A 346 -17.46 19.15 21.26
C LEU A 346 -16.30 18.30 21.77
N MET A 347 -15.91 18.47 23.05
CA MET A 347 -14.94 17.56 23.70
C MET A 347 -15.38 16.10 23.67
N GLU A 348 -16.65 15.86 23.92
CA GLU A 348 -17.18 14.51 23.84
C GLU A 348 -17.21 13.98 22.39
N ALA A 349 -17.54 14.84 21.44
CA ALA A 349 -17.50 14.45 20.02
C ALA A 349 -16.08 14.04 19.57
N VAL A 350 -15.11 14.84 19.97
CA VAL A 350 -13.70 14.60 19.69
C VAL A 350 -13.25 13.30 20.30
N GLN A 351 -13.46 13.12 21.60
CA GLN A 351 -13.04 11.91 22.32
C GLN A 351 -13.67 10.65 21.71
N ARG A 352 -14.95 10.70 21.37
CA ARG A 352 -15.61 9.58 20.68
C ARG A 352 -15.01 9.29 19.30
N GLU A 353 -14.67 10.34 18.54
CA GLU A 353 -13.99 10.14 17.25
C GLU A 353 -12.60 9.47 17.43
N ILE A 354 -11.83 9.98 18.39
CA ILE A 354 -10.47 9.49 18.68
C ILE A 354 -10.47 8.02 19.16
N GLU A 355 -11.53 7.61 19.86
CA GLU A 355 -11.64 6.25 20.43
C GLU A 355 -11.88 5.19 19.37
N GLU A 356 -12.49 5.61 18.27
CA GLU A 356 -12.66 4.72 17.14
C GLU A 356 -11.34 4.39 16.50
N LEU A 357 -10.34 5.27 16.60
CA LEU A 357 -9.04 5.09 15.95
C LEU A 357 -7.96 4.54 16.85
N ARG A 358 -7.93 5.01 18.10
CA ARG A 358 -6.98 4.57 19.10
C ARG A 358 -7.75 3.75 20.14
N PHE A 359 -7.48 2.45 20.19
CA PHE A 359 -8.26 1.53 21.03
C PHE A 359 -7.43 0.34 21.44
N ARG A 360 -7.89 -0.38 22.44
CA ARG A 360 -7.26 -1.63 22.85
C ARG A 360 -8.35 -2.59 23.25
N THR A 361 -8.13 -3.87 23.01
CA THR A 361 -9.15 -4.87 23.24
C THR A 361 -8.49 -6.12 23.77
N GLU A 362 -9.35 -7.05 24.21
CA GLU A 362 -8.95 -8.39 24.57
C GLU A 362 -9.01 -9.34 23.37
N ASN A 363 -9.30 -8.84 22.16
CA ASN A 363 -9.41 -9.68 20.99
C ASN A 363 -8.08 -10.30 20.57
N ILE A 364 -8.18 -11.42 19.88
CA ILE A 364 -7.02 -12.09 19.33
C ILE A 364 -6.80 -11.46 17.94
N GLY A 365 -5.80 -10.60 17.83
CA GLY A 365 -5.48 -9.88 16.61
C GLY A 365 -4.10 -9.23 16.65
N VAL A 366 -3.77 -8.54 15.56
CA VAL A 366 -2.47 -7.90 15.43
C VAL A 366 -2.43 -6.63 16.26
N VAL A 367 -1.21 -6.17 16.50
CA VAL A 367 -0.96 -4.93 17.23
C VAL A 367 -0.49 -3.91 16.21
N VAL A 368 -1.24 -2.81 16.08
CA VAL A 368 -0.94 -1.78 15.09
C VAL A 368 -0.43 -0.50 15.78
N LYS A 369 0.77 -0.04 15.43
CA LYS A 369 1.25 1.28 15.87
C LYS A 369 1.60 2.15 14.65
N ALA A 370 1.24 3.43 14.74
CA ALA A 370 1.51 4.40 13.67
C ALA A 370 1.81 5.78 14.27
N ASP A 371 2.14 6.72 13.39
CA ASP A 371 2.60 8.07 13.80
C ASP A 371 1.54 9.15 13.71
N THR A 372 0.52 8.95 12.89
CA THR A 372 -0.57 9.92 12.76
C THR A 372 -1.89 9.20 12.83
N LEU A 373 -2.97 9.95 13.04
CA LEU A 373 -4.30 9.35 13.08
C LEU A 373 -4.75 8.83 11.73
N GLY A 374 -4.44 9.58 10.68
CA GLY A 374 -4.80 9.15 9.35
C GLY A 374 -4.25 7.81 8.96
N THR A 375 -2.94 7.61 9.14
CA THR A 375 -2.32 6.39 8.73
C THR A 375 -2.71 5.23 9.63
N LEU A 376 -2.89 5.51 10.92
CA LEU A 376 -3.44 4.53 11.84
C LEU A 376 -4.82 4.08 11.39
N GLU A 377 -5.64 5.02 10.93
CA GLU A 377 -6.97 4.65 10.48
C GLU A 377 -6.89 3.81 9.23
N ALA A 378 -6.07 4.25 8.27
CA ALA A 378 -5.96 3.58 6.97
C ALA A 378 -5.37 2.17 7.13
N LEU A 379 -4.42 2.02 8.04
CA LEU A 379 -3.81 0.73 8.35
C LEU A 379 -4.88 -0.26 8.92
N VAL A 380 -5.61 0.20 9.94
CA VAL A 380 -6.69 -0.59 10.54
C VAL A 380 -7.76 -0.97 9.50
N GLU A 381 -8.18 -0.02 8.67
CA GLU A 381 -9.19 -0.26 7.64
C GLU A 381 -8.73 -1.28 6.57
N ALA A 382 -7.43 -1.22 6.24
CA ALA A 382 -6.83 -2.15 5.27
C ALA A 382 -6.77 -3.56 5.83
N LEU A 383 -6.51 -3.68 7.13
CA LEU A 383 -6.52 -4.98 7.78
C LEU A 383 -7.94 -5.51 7.85
N ARG A 384 -8.86 -4.67 8.26
CA ARG A 384 -10.27 -5.06 8.31
C ARG A 384 -10.81 -5.50 6.95
N ARG A 385 -10.46 -4.77 5.89
CA ARG A 385 -10.83 -5.13 4.54
C ARG A 385 -10.39 -6.57 4.21
N ARG A 386 -9.20 -6.96 4.67
CA ARG A 386 -8.64 -8.30 4.43
C ARG A 386 -9.09 -9.36 5.46
N GLY A 387 -9.87 -8.98 6.47
CA GLY A 387 -10.36 -9.90 7.50
C GLY A 387 -9.39 -10.16 8.65
N VAL A 388 -8.39 -9.31 8.80
CA VAL A 388 -7.38 -9.51 9.83
C VAL A 388 -7.90 -8.79 11.07
N PRO A 389 -8.19 -9.54 12.15
CA PRO A 389 -8.55 -8.85 13.39
C PRO A 389 -7.42 -8.01 14.01
N VAL A 390 -7.79 -6.91 14.63
CA VAL A 390 -6.85 -5.97 15.23
C VAL A 390 -7.11 -5.94 16.72
N ARG A 391 -6.10 -6.30 17.51
CA ARG A 391 -6.22 -6.32 18.96
C ARG A 391 -6.19 -4.89 19.51
N LEU A 392 -5.18 -4.14 19.09
CA LEU A 392 -5.07 -2.74 19.47
C LEU A 392 -4.48 -1.89 18.35
N ALA A 393 -4.77 -0.59 18.45
CA ALA A 393 -4.31 0.41 17.50
C ALA A 393 -4.03 1.66 18.30
N ASP A 394 -2.82 2.20 18.15
CA ASP A 394 -2.44 3.37 18.92
C ASP A 394 -1.28 4.10 18.25
N ILE A 395 -1.00 5.30 18.76
CA ILE A 395 0.05 6.17 18.29
C ILE A 395 1.33 6.00 19.11
N GLY A 396 2.46 5.88 18.42
CA GLY A 396 3.76 5.99 19.05
C GLY A 396 4.65 4.78 18.95
N PRO A 397 5.86 4.87 19.54
CA PRO A 397 6.86 3.80 19.45
C PRO A 397 6.33 2.44 19.96
N VAL A 398 6.89 1.37 19.44
CA VAL A 398 6.51 0.02 19.86
C VAL A 398 7.13 -0.24 21.23
N SER A 399 6.27 -0.44 22.23
CA SER A 399 6.69 -0.66 23.62
C SER A 399 6.65 -2.13 24.03
N ARG A 400 7.15 -2.39 25.25
CA ARG A 400 7.15 -3.76 25.80
C ARG A 400 5.72 -4.28 25.92
N SER A 401 4.82 -3.44 26.44
CA SER A 401 3.38 -3.72 26.46
C SER A 401 2.78 -4.15 25.11
N ASP A 402 3.16 -3.47 24.02
CA ASP A 402 2.67 -3.83 22.68
C ASP A 402 3.07 -5.25 22.31
N VAL A 403 4.35 -5.55 22.47
CA VAL A 403 4.88 -6.87 22.25
C VAL A 403 4.13 -7.94 23.10
N LEU A 404 3.83 -7.63 24.36
CA LEU A 404 3.14 -8.57 25.24
C LEU A 404 1.69 -8.76 24.83
N ASP A 405 1.06 -7.70 24.31
CA ASP A 405 -0.28 -7.83 23.72
C ASP A 405 -0.22 -8.78 22.53
N ALA A 406 0.77 -8.63 21.65
CA ALA A 406 0.91 -9.54 20.51
C ALA A 406 1.27 -10.96 20.94
N ALA A 407 1.90 -11.08 22.11
CA ALA A 407 2.20 -12.39 22.68
C ALA A 407 0.94 -13.10 23.19
N VAL A 408 0.02 -12.35 23.80
CA VAL A 408 -1.29 -12.91 24.12
C VAL A 408 -1.91 -13.51 22.83
N THR A 409 -1.92 -12.74 21.75
CA THR A 409 -2.46 -13.23 20.47
C THR A 409 -1.71 -14.46 19.97
N ARG A 410 -0.39 -14.38 20.04
CA ARG A 410 0.51 -15.43 19.53
C ARG A 410 0.19 -16.80 20.10
N LYS A 411 -0.03 -16.86 21.42
CA LYS A 411 -0.39 -18.11 22.07
C LYS A 411 -1.63 -18.79 21.46
N ILE A 412 -2.57 -17.99 20.93
CA ILE A 412 -3.77 -18.53 20.28
C ILE A 412 -3.61 -18.77 18.78
N ASP A 413 -3.10 -17.78 18.07
CA ASP A 413 -2.88 -17.88 16.65
C ASP A 413 -1.60 -17.13 16.31
N PRO A 414 -0.48 -17.87 16.10
CA PRO A 414 0.82 -17.24 15.78
C PRO A 414 0.80 -16.36 14.52
N TYR A 415 -0.08 -16.68 13.57
CA TYR A 415 -0.20 -15.87 12.35
C TYR A 415 -0.70 -14.44 12.63
N LEU A 416 -1.38 -14.24 13.77
CA LEU A 416 -1.85 -12.90 14.19
C LEU A 416 -0.98 -12.21 15.27
N GLY A 417 0.00 -12.94 15.82
CA GLY A 417 0.73 -12.51 16.99
C GLY A 417 1.93 -11.71 16.62
N VAL A 418 1.67 -10.52 16.09
CA VAL A 418 2.71 -9.66 15.57
C VAL A 418 2.42 -8.18 15.82
N VAL A 419 3.47 -7.38 15.71
CA VAL A 419 3.36 -5.92 15.74
C VAL A 419 3.62 -5.38 14.34
N LEU A 420 2.68 -4.58 13.84
CA LEU A 420 2.82 -3.86 12.59
C LEU A 420 3.08 -2.41 12.95
N ALA A 421 4.31 -1.95 12.71
CA ALA A 421 4.77 -0.62 13.13
C ALA A 421 5.00 0.30 11.92
N PHE A 422 4.10 1.27 11.74
CA PHE A 422 4.21 2.24 10.64
C PHE A 422 4.93 3.51 11.05
N ASN A 423 6.17 3.69 10.60
CA ASN A 423 6.93 4.94 10.81
C ASN A 423 7.01 5.37 12.28
N VAL A 424 7.33 4.43 13.14
CA VAL A 424 7.55 4.69 14.57
C VAL A 424 8.77 3.88 14.98
N LYS A 425 9.46 4.32 16.01
CA LYS A 425 10.64 3.59 16.49
C LYS A 425 10.16 2.37 17.27
N VAL A 426 11.07 1.43 17.45
CA VAL A 426 10.86 0.30 18.35
C VAL A 426 11.83 0.46 19.51
N LEU A 427 11.31 0.52 20.73
CA LEU A 427 12.12 0.67 21.92
C LEU A 427 12.94 -0.60 22.17
N PRO A 428 14.15 -0.47 22.76
CA PRO A 428 14.98 -1.66 23.05
C PRO A 428 14.28 -2.69 23.94
N GLU A 429 13.54 -2.25 24.95
CA GLU A 429 12.67 -3.12 25.77
C GLU A 429 11.78 -4.04 24.89
N ALA A 430 11.23 -3.46 23.81
CA ALA A 430 10.35 -4.17 22.90
C ALA A 430 11.14 -5.14 22.03
N GLU A 431 12.32 -4.73 21.58
CA GLU A 431 13.19 -5.62 20.80
C GLU A 431 13.50 -6.88 21.60
N GLU A 432 13.86 -6.68 22.87
CA GLU A 432 14.22 -7.76 23.81
C GLU A 432 13.06 -8.73 24.05
N GLU A 433 11.87 -8.19 24.33
CA GLU A 433 10.68 -9.02 24.57
C GLU A 433 10.25 -9.81 23.33
N ALA A 434 10.22 -9.16 22.16
CA ALA A 434 9.86 -9.84 20.89
C ALA A 434 10.74 -11.05 20.62
N SER A 435 12.03 -10.88 20.90
CA SER A 435 12.98 -11.98 20.77
C SER A 435 12.61 -13.11 21.73
N ARG A 436 12.41 -12.80 23.00
CA ARG A 436 12.04 -13.82 23.98
C ARG A 436 10.69 -14.47 23.67
N ALA A 437 9.74 -13.69 23.14
CA ALA A 437 8.37 -14.18 22.92
C ALA A 437 8.13 -14.88 21.56
N GLY A 438 9.06 -14.73 20.62
CA GLY A 438 8.85 -15.19 19.27
C GLY A 438 7.85 -14.33 18.49
N VAL A 439 7.66 -13.08 18.93
CA VAL A 439 6.80 -12.11 18.25
C VAL A 439 7.61 -11.33 17.20
N LYS A 440 7.16 -11.36 15.95
CA LYS A 440 7.76 -10.57 14.88
C LYS A 440 7.24 -9.13 14.87
N ILE A 441 8.17 -8.19 14.79
CA ILE A 441 7.83 -6.77 14.57
C ILE A 441 8.10 -6.42 13.11
N PHE A 442 7.06 -5.97 12.41
CA PHE A 442 7.18 -5.48 11.02
C PHE A 442 7.32 -3.97 11.07
N ARG A 443 8.33 -3.45 10.39
CA ARG A 443 8.55 -2.00 10.35
C ARG A 443 8.50 -1.56 8.89
N GLU A 444 7.70 -0.54 8.59
CA GLU A 444 7.72 0.06 7.24
C GLU A 444 7.21 1.50 7.31
N SER A 445 7.42 2.25 6.23
CA SER A 445 6.96 3.64 6.17
C SER A 445 6.03 3.90 4.98
N MET A 446 5.60 2.83 4.29
CA MET A 446 4.54 2.87 3.28
C MET A 446 3.54 1.78 3.63
N ILE A 447 2.25 2.14 3.66
CA ILE A 447 1.22 1.25 4.18
C ILE A 447 1.12 -0.07 3.39
N TYR A 448 1.04 0.01 2.08
CA TYR A 448 0.90 -1.18 1.23
C TYR A 448 2.07 -2.15 1.45
N LYS A 449 3.26 -1.61 1.75
CA LYS A 449 4.45 -2.45 1.94
C LYS A 449 4.39 -3.17 3.27
N LEU A 450 4.03 -2.44 4.32
CA LEU A 450 3.78 -3.06 5.63
C LEU A 450 2.80 -4.22 5.48
N ILE A 451 1.66 -3.96 4.83
CA ILE A 451 0.62 -4.97 4.64
C ILE A 451 1.14 -6.15 3.82
N GLU A 452 1.80 -5.88 2.69
CA GLU A 452 2.35 -6.93 1.82
C GLU A 452 3.41 -7.79 2.54
N ASP A 453 4.27 -7.16 3.34
CA ASP A 453 5.29 -7.88 4.09
C ASP A 453 4.65 -8.84 5.12
N TYR A 454 3.61 -8.37 5.81
CA TYR A 454 2.87 -9.21 6.74
C TYR A 454 2.21 -10.39 6.02
N GLU A 455 1.47 -10.12 4.94
CA GLU A 455 0.78 -11.17 4.16
C GLU A 455 1.73 -12.23 3.60
N GLU A 456 2.92 -11.80 3.20
CA GLU A 456 3.93 -12.70 2.62
C GLU A 456 4.46 -13.64 3.69
N TRP A 457 4.80 -13.08 4.84
CA TRP A 457 5.20 -13.85 6.00
C TRP A 457 4.11 -14.88 6.37
N VAL A 458 2.85 -14.45 6.38
CA VAL A 458 1.75 -15.34 6.74
C VAL A 458 1.67 -16.52 5.77
N LYS A 459 1.87 -16.23 4.48
CA LYS A 459 1.85 -17.26 3.44
C LYS A 459 2.95 -18.28 3.65
N LYS A 460 4.15 -17.80 3.95
CA LYS A 460 5.31 -18.67 4.20
C LYS A 460 5.19 -19.45 5.52
N GLU A 461 4.55 -18.86 6.52
CA GLU A 461 4.34 -19.57 7.79
C GLU A 461 3.33 -20.68 7.60
N LYS A 462 2.26 -20.40 6.86
CA LYS A 462 1.25 -21.43 6.59
C LYS A 462 1.80 -22.57 5.73
N GLU A 463 2.60 -22.22 4.74
CA GLU A 463 3.31 -23.22 3.96
C GLU A 463 4.22 -24.09 4.86
N ALA A 464 4.97 -23.47 5.77
CA ALA A 464 5.81 -24.20 6.72
C ALA A 464 5.05 -25.24 7.56
N GLU A 465 3.83 -24.89 7.94
CA GLU A 465 2.96 -25.79 8.72
C GLU A 465 2.51 -26.98 7.87
N ARG A 466 2.16 -26.75 6.60
CA ARG A 466 1.82 -27.86 5.68
C ARG A 466 3.02 -28.78 5.46
N LEU A 467 4.20 -28.20 5.20
CA LEU A 467 5.44 -28.96 5.02
C LEU A 467 5.78 -29.88 6.20
N LYS A 468 5.40 -29.48 7.42
CA LYS A 468 5.51 -30.36 8.59
C LYS A 468 4.72 -31.66 8.38
N ALA A 469 3.46 -31.54 7.94
CA ALA A 469 2.65 -32.72 7.61
C ALA A 469 3.26 -33.58 6.50
N LEU A 470 3.80 -32.94 5.47
CA LEU A 470 4.48 -33.68 4.39
C LEU A 470 5.73 -34.42 4.89
N ASN A 471 6.48 -33.77 5.76
CA ASN A 471 7.70 -34.36 6.34
C ASN A 471 7.47 -35.44 7.39
N SER A 472 6.21 -35.68 7.74
CA SER A 472 5.84 -36.93 8.36
C SER A 472 6.22 -38.13 7.46
N LEU A 473 6.34 -37.91 6.13
CA LEU A 473 6.57 -38.96 5.12
C LEU A 473 8.03 -39.03 4.61
N ILE A 474 8.41 -40.21 4.16
CA ILE A 474 9.58 -40.39 3.30
C ILE A 474 9.28 -39.89 1.89
N ARG A 475 9.94 -38.80 1.54
CA ARG A 475 9.73 -38.12 0.27
C ARG A 475 10.59 -38.65 -0.90
N PRO A 476 10.20 -38.33 -2.14
CA PRO A 476 11.03 -38.79 -3.26
C PRO A 476 12.38 -38.11 -3.32
N GLY A 477 13.42 -38.90 -3.55
CA GLY A 477 14.77 -38.38 -3.69
C GLY A 477 15.58 -39.23 -4.64
N LYS A 478 16.50 -38.61 -5.35
CA LYS A 478 17.30 -39.30 -6.33
C LYS A 478 18.69 -38.66 -6.33
N PHE A 479 19.73 -39.48 -6.24
CA PHE A 479 21.06 -38.93 -6.14
C PHE A 479 22.13 -39.83 -6.70
N ARG A 480 23.21 -39.22 -7.19
CA ARG A 480 24.28 -40.00 -7.85
C ARG A 480 25.51 -40.02 -6.97
N ILE A 481 26.15 -41.18 -6.88
CA ILE A 481 27.40 -41.32 -6.13
C ILE A 481 28.51 -40.74 -7.00
N LEU A 482 29.22 -39.75 -6.47
CA LEU A 482 30.18 -38.95 -7.26
C LEU A 482 31.49 -39.71 -7.46
N PRO A 483 31.94 -39.86 -8.72
CA PRO A 483 33.27 -40.42 -8.94
C PRO A 483 34.33 -39.63 -8.22
N GLY A 484 35.15 -40.33 -7.44
CA GLY A 484 36.20 -39.71 -6.66
C GLY A 484 35.84 -39.25 -5.24
N TYR A 485 34.61 -39.49 -4.77
CA TYR A 485 34.18 -39.01 -3.44
C TYR A 485 33.67 -40.12 -2.51
N VAL A 486 34.32 -41.29 -2.55
CA VAL A 486 33.99 -42.38 -1.65
C VAL A 486 34.88 -42.25 -0.43
N PHE A 487 34.31 -41.73 0.65
CA PHE A 487 35.07 -41.49 1.89
C PHE A 487 35.25 -42.75 2.73
N ARG A 488 34.25 -43.63 2.66
CA ARG A 488 34.24 -44.86 3.43
C ARG A 488 33.36 -45.86 2.73
N ARG A 489 33.88 -47.07 2.54
CA ARG A 489 33.23 -48.04 1.67
C ARG A 489 32.09 -48.79 2.35
N SER A 490 32.17 -48.96 3.69
CA SER A 490 31.04 -49.54 4.43
C SER A 490 31.05 -49.34 5.94
N ASP A 491 29.90 -49.64 6.54
CA ASP A 491 29.75 -49.76 7.99
C ASP A 491 30.22 -48.51 8.76
N PRO A 492 29.59 -47.34 8.56
CA PRO A 492 28.68 -47.04 7.46
C PRO A 492 29.37 -46.66 6.16
N ALA A 493 28.72 -46.89 5.02
CA ALA A 493 29.21 -46.31 3.76
C ALA A 493 29.10 -44.80 3.83
N ILE A 494 30.12 -44.08 3.33
CA ILE A 494 30.12 -42.61 3.32
C ILE A 494 30.57 -42.17 1.95
N VAL A 495 29.66 -41.51 1.24
CA VAL A 495 29.89 -41.18 -0.17
C VAL A 495 29.47 -39.77 -0.50
N GLY A 496 30.23 -39.13 -1.37
CA GLY A 496 29.84 -37.86 -1.94
C GLY A 496 28.78 -38.09 -3.00
N VAL A 497 27.69 -37.33 -2.90
CA VAL A 497 26.60 -37.43 -3.86
C VAL A 497 26.23 -36.06 -4.38
N GLU A 498 25.65 -36.05 -5.58
CA GLU A 498 24.87 -34.93 -6.07
C GLU A 498 23.39 -35.33 -6.09
N VAL A 499 22.55 -34.48 -5.53
CA VAL A 499 21.12 -34.71 -5.59
C VAL A 499 20.60 -34.30 -6.97
N LEU A 500 20.02 -35.26 -7.67
CA LEU A 500 19.51 -35.06 -9.04
C LEU A 500 18.03 -34.66 -9.09
N GLY A 501 17.32 -34.80 -7.97
CA GLY A 501 15.89 -34.51 -7.93
C GLY A 501 15.27 -34.91 -6.60
N GLY A 502 14.26 -34.15 -6.20
CA GLY A 502 13.56 -34.37 -4.96
C GLY A 502 14.40 -34.03 -3.74
N VAL A 503 14.28 -34.84 -2.71
CA VAL A 503 14.89 -34.51 -1.44
C VAL A 503 15.43 -35.73 -0.68
N ILE A 504 16.49 -35.52 0.10
CA ILE A 504 16.99 -36.52 1.03
C ILE A 504 17.18 -35.96 2.43
N ARG A 505 16.84 -36.76 3.42
CA ARG A 505 16.84 -36.35 4.81
C ARG A 505 17.40 -37.52 5.64
N PRO A 506 18.01 -37.22 6.80
CA PRO A 506 18.45 -38.34 7.64
C PRO A 506 17.29 -39.27 7.98
N GLY A 507 17.55 -40.57 8.02
CA GLY A 507 16.53 -41.55 8.34
C GLY A 507 15.81 -42.20 7.18
N TYR A 508 15.96 -41.64 5.98
CA TYR A 508 15.34 -42.18 4.79
C TYR A 508 15.96 -43.49 4.37
N PRO A 509 15.11 -44.52 4.10
CA PRO A 509 15.63 -45.72 3.47
C PRO A 509 16.03 -45.40 2.03
N VAL A 510 17.04 -46.10 1.52
CA VAL A 510 17.49 -45.90 0.15
C VAL A 510 17.56 -47.23 -0.58
N MET A 511 17.46 -47.15 -1.89
CA MET A 511 17.48 -48.34 -2.75
C MET A 511 18.21 -48.02 -4.03
N ASP A 512 18.56 -49.08 -4.78
CA ASP A 512 19.26 -48.92 -6.05
C ASP A 512 18.25 -48.70 -7.17
N SER A 513 18.75 -48.47 -8.38
CA SER A 513 17.87 -48.17 -9.51
C SER A 513 17.00 -49.36 -9.92
N GLN A 514 17.31 -50.58 -9.44
CA GLN A 514 16.43 -51.75 -9.56
C GLN A 514 15.48 -51.96 -8.35
N GLY A 515 15.48 -51.04 -7.39
CA GLY A 515 14.61 -51.16 -6.21
C GLY A 515 15.06 -52.13 -5.12
N ARG A 516 16.33 -52.55 -5.15
CA ARG A 516 16.88 -53.35 -4.09
C ARG A 516 17.29 -52.45 -2.88
N GLU A 517 16.90 -52.87 -1.68
CA GLU A 517 17.17 -52.12 -0.43
C GLU A 517 18.66 -52.14 -0.07
N LEU A 518 19.24 -50.98 0.18
CA LEU A 518 20.66 -50.89 0.52
C LEU A 518 20.94 -50.49 1.97
N GLY A 519 20.00 -49.79 2.59
CA GLY A 519 20.26 -49.18 3.90
C GLY A 519 19.43 -47.94 4.13
N ARG A 520 19.89 -47.12 5.08
CA ARG A 520 19.19 -45.93 5.46
C ARG A 520 20.18 -44.83 5.77
N ILE A 521 19.77 -43.60 5.48
CA ILE A 521 20.61 -42.43 5.64
C ILE A 521 20.76 -42.15 7.14
N MET A 522 22.01 -42.23 7.59
CA MET A 522 22.38 -41.89 8.96
C MET A 522 22.68 -40.42 9.09
N ALA A 523 23.27 -39.82 8.06
CA ALA A 523 23.76 -38.44 8.15
C ALA A 523 23.97 -37.84 6.76
N ILE A 524 23.87 -36.52 6.69
CA ILE A 524 24.07 -35.74 5.46
C ILE A 524 24.86 -34.52 5.92
N LYS A 525 25.99 -34.26 5.26
CA LYS A 525 26.93 -33.27 5.72
C LYS A 525 27.45 -32.39 4.59
N ASP A 526 27.58 -31.11 4.91
CA ASP A 526 28.34 -30.14 4.13
C ASP A 526 29.83 -30.26 4.45
N ARG A 527 30.64 -29.43 3.80
CA ARG A 527 32.03 -29.21 4.25
C ARG A 527 32.05 -28.49 5.61
N ASP A 528 31.00 -27.73 5.86
CA ASP A 528 30.80 -26.99 7.10
C ASP A 528 30.03 -27.79 8.21
N ARG A 529 28.81 -28.26 7.90
CA ARG A 529 27.83 -28.71 8.93
C ARG A 529 26.96 -29.93 8.56
N SER A 530 26.25 -30.47 9.55
CA SER A 530 25.27 -31.54 9.35
C SER A 530 23.96 -30.93 8.90
N LEU A 531 23.29 -31.54 7.93
CA LEU A 531 22.11 -30.97 7.30
C LEU A 531 20.91 -31.83 7.61
N GLU A 532 19.74 -31.18 7.73
CA GLU A 532 18.48 -31.88 7.94
C GLU A 532 17.88 -32.36 6.63
N GLU A 533 18.32 -31.72 5.54
CA GLU A 533 17.79 -31.93 4.21
C GLU A 533 18.81 -31.55 3.14
N ALA A 534 18.73 -32.18 1.99
CA ALA A 534 19.46 -31.73 0.82
C ALA A 534 18.60 -31.91 -0.42
N ARG A 535 18.66 -30.91 -1.30
CA ARG A 535 17.71 -30.80 -2.40
C ARG A 535 18.46 -30.77 -3.73
N LEU A 536 17.70 -30.74 -4.82
CA LEU A 536 18.22 -30.67 -6.20
C LEU A 536 19.47 -29.82 -6.30
N GLY A 537 20.53 -30.37 -6.88
CA GLY A 537 21.80 -29.66 -7.06
C GLY A 537 22.76 -29.64 -5.88
N ALA A 538 22.36 -30.08 -4.69
CA ALA A 538 23.27 -30.17 -3.55
C ALA A 538 24.33 -31.22 -3.84
N ALA A 539 25.59 -30.91 -3.51
CA ALA A 539 26.65 -31.90 -3.44
C ALA A 539 27.05 -32.06 -1.95
N VAL A 540 26.75 -33.22 -1.39
CA VAL A 540 26.84 -33.47 0.05
C VAL A 540 27.45 -34.85 0.32
N ALA A 541 27.95 -35.06 1.53
CA ALA A 541 28.41 -36.37 1.94
C ALA A 541 27.29 -37.09 2.69
N VAL A 542 26.91 -38.25 2.20
CA VAL A 542 25.82 -39.05 2.77
C VAL A 542 26.44 -40.29 3.42
N SER A 543 26.19 -40.45 4.71
CA SER A 543 26.50 -41.67 5.44
C SER A 543 25.30 -42.60 5.39
N ILE A 544 25.54 -43.85 5.00
CA ILE A 544 24.45 -44.83 4.82
C ILE A 544 24.66 -46.04 5.71
N GLN A 545 23.72 -46.23 6.62
CA GLN A 545 23.76 -47.36 7.54
C GLN A 545 23.07 -48.55 6.88
N GLY A 546 23.76 -49.67 6.87
CA GLY A 546 23.16 -50.95 6.47
C GLY A 546 24.16 -51.86 5.81
N ARG A 547 23.64 -52.80 5.01
CA ARG A 547 24.46 -53.80 4.30
C ARG A 547 25.30 -53.25 3.13
N ILE A 548 24.97 -52.06 2.66
CA ILE A 548 25.71 -51.37 1.60
C ILE A 548 27.25 -51.52 1.71
N LEU A 549 27.88 -51.94 0.62
CA LEU A 549 29.36 -51.94 0.50
C LEU A 549 29.67 -51.33 -0.86
N ILE A 550 30.34 -50.16 -0.88
CA ILE A 550 30.63 -49.48 -2.15
C ILE A 550 31.70 -50.29 -2.89
N GLY A 551 31.49 -50.48 -4.19
CA GLY A 551 32.23 -51.46 -4.97
C GLY A 551 31.44 -52.74 -5.23
N ARG A 552 30.43 -53.02 -4.40
CA ARG A 552 29.67 -54.27 -4.49
C ARG A 552 28.18 -54.05 -4.78
N HIS A 553 27.49 -53.38 -3.86
CA HIS A 553 26.07 -53.14 -4.00
C HIS A 553 25.77 -51.85 -4.77
N ALA A 554 26.76 -50.95 -4.83
CA ALA A 554 26.68 -49.72 -5.64
C ALA A 554 28.08 -49.24 -5.94
N ASN A 555 28.21 -48.44 -7.00
CA ASN A 555 29.49 -48.01 -7.50
C ASN A 555 29.49 -46.51 -7.68
N GLU A 556 30.69 -45.96 -7.79
CA GLU A 556 30.81 -44.55 -8.21
C GLU A 556 30.08 -44.35 -9.54
N GLY A 557 29.35 -43.23 -9.65
CA GLY A 557 28.52 -42.95 -10.82
C GLY A 557 27.09 -43.53 -10.81
N ASP A 558 26.82 -44.47 -9.90
CA ASP A 558 25.47 -45.05 -9.79
C ASP A 558 24.49 -44.08 -9.18
N ILE A 559 23.23 -44.31 -9.53
CA ILE A 559 22.12 -43.48 -9.10
C ILE A 559 21.28 -44.24 -8.06
N LEU A 560 21.05 -43.59 -6.92
CA LEU A 560 20.27 -44.18 -5.80
C LEU A 560 18.98 -43.40 -5.60
N TYR A 561 17.97 -44.08 -5.07
CA TYR A 561 16.65 -43.49 -4.82
C TYR A 561 16.24 -43.67 -3.35
N THR A 562 15.39 -42.77 -2.87
CA THR A 562 14.73 -42.99 -1.59
C THR A 562 13.69 -44.08 -1.81
N ASN A 563 13.44 -44.86 -0.77
CA ASN A 563 12.51 -45.96 -0.82
C ASN A 563 11.18 -45.52 -0.20
N VAL A 564 10.40 -44.83 -1.03
CA VAL A 564 9.15 -44.22 -0.60
C VAL A 564 8.12 -45.34 -0.43
N PRO A 565 7.55 -45.49 0.76
CA PRO A 565 6.48 -46.47 0.93
C PRO A 565 5.29 -46.17 0.02
N ALA A 566 4.59 -47.21 -0.43
CA ALA A 566 3.43 -47.04 -1.34
C ALA A 566 2.39 -46.06 -0.80
N GLN A 567 1.96 -46.26 0.46
CA GLN A 567 1.05 -45.35 1.18
C GLN A 567 1.55 -43.90 1.16
N HIS A 568 2.86 -43.70 1.29
CA HIS A 568 3.42 -42.33 1.27
C HIS A 568 3.31 -41.66 -0.10
N ALA A 569 3.53 -42.44 -1.15
CA ALA A 569 3.39 -41.96 -2.53
C ALA A 569 1.95 -41.55 -2.79
N TYR A 570 1.00 -42.34 -2.27
CA TYR A 570 -0.43 -42.05 -2.42
C TYR A 570 -0.77 -40.71 -1.79
N LYS A 571 -0.34 -40.51 -0.54
CA LYS A 571 -0.64 -39.27 0.18
C LYS A 571 0.02 -38.02 -0.45
N ILE A 572 1.23 -38.17 -0.99
CA ILE A 572 1.91 -37.07 -1.69
C ILE A 572 1.07 -36.61 -2.90
N LEU A 573 0.64 -37.59 -3.70
CA LEU A 573 -0.12 -37.33 -4.91
C LEU A 573 -1.58 -36.90 -4.69
N THR A 574 -2.16 -37.23 -3.54
CA THR A 574 -3.56 -36.91 -3.21
C THR A 574 -3.74 -35.82 -2.13
N GLU A 575 -2.68 -35.42 -1.42
CA GLU A 575 -2.77 -34.32 -0.45
C GLU A 575 -1.71 -33.23 -0.55
N PHE A 576 -0.53 -33.54 -1.08
CA PHE A 576 0.56 -32.57 -1.15
C PHE A 576 1.08 -32.30 -2.58
N LYS A 577 0.36 -32.77 -3.59
CA LYS A 577 0.77 -32.68 -5.00
C LYS A 577 1.24 -31.26 -5.41
N ASP A 578 0.49 -30.26 -4.98
CA ASP A 578 0.80 -28.85 -5.30
C ASP A 578 2.02 -28.30 -4.53
N LEU A 579 2.40 -28.96 -3.44
CA LEU A 579 3.43 -28.45 -2.53
C LEU A 579 4.84 -28.92 -2.89
N VAL A 580 4.98 -30.16 -3.35
CA VAL A 580 6.30 -30.69 -3.72
C VAL A 580 6.79 -30.08 -5.04
N SER A 581 8.08 -30.21 -5.30
CA SER A 581 8.67 -29.72 -6.54
C SER A 581 8.24 -30.54 -7.74
N LYS A 582 8.27 -29.92 -8.92
CA LYS A 582 8.09 -30.66 -10.16
C LYS A 582 9.12 -31.80 -10.19
N ASP A 583 10.38 -31.48 -9.87
CA ASP A 583 11.44 -32.52 -9.83
C ASP A 583 11.16 -33.64 -8.79
N GLU A 584 10.60 -33.27 -7.65
CA GLU A 584 10.16 -34.26 -6.65
C GLU A 584 9.10 -35.22 -7.21
N LEU A 585 8.17 -34.69 -8.00
CA LEU A 585 7.17 -35.50 -8.66
C LEU A 585 7.77 -36.37 -9.76
N ASP A 586 8.72 -35.82 -10.53
CA ASP A 586 9.44 -36.60 -11.56
C ASP A 586 10.07 -37.88 -10.94
N VAL A 587 10.68 -37.70 -9.77
CA VAL A 587 11.39 -38.77 -9.07
C VAL A 587 10.39 -39.80 -8.56
N LEU A 588 9.24 -39.35 -8.06
CA LEU A 588 8.21 -40.27 -7.60
C LEU A 588 7.68 -41.13 -8.74
N ARG A 589 7.54 -40.52 -9.91
CA ARG A 589 7.23 -41.26 -11.13
C ARG A 589 8.31 -42.31 -11.45
N GLU A 590 9.59 -41.94 -11.30
CA GLU A 590 10.68 -42.93 -11.47
C GLU A 590 10.55 -44.05 -10.45
N ILE A 591 10.36 -43.66 -9.19
CA ILE A 591 10.22 -44.63 -8.09
C ILE A 591 9.04 -45.57 -8.36
N ALA A 592 7.86 -45.02 -8.64
CA ALA A 592 6.69 -45.85 -8.94
C ALA A 592 6.98 -46.84 -10.10
N GLU A 593 7.75 -46.40 -11.09
CA GLU A 593 8.09 -47.26 -12.24
C GLU A 593 9.13 -48.33 -11.87
N ILE A 594 10.11 -47.97 -11.02
CA ILE A 594 11.04 -48.97 -10.49
C ILE A 594 10.25 -50.03 -9.72
N LYS A 595 9.28 -49.57 -8.93
CA LYS A 595 8.46 -50.46 -8.13
C LYS A 595 7.58 -51.36 -9.01
N ARG A 596 7.01 -50.78 -10.08
CA ARG A 596 6.16 -51.51 -11.02
C ARG A 596 6.92 -52.66 -11.69
N ARG A 597 8.13 -52.39 -12.17
CA ARG A 597 8.94 -53.40 -12.90
C ARG A 597 9.47 -54.50 -11.98
N ALA A 598 9.68 -54.16 -10.72
CA ALA A 598 10.00 -55.14 -9.68
C ALA A 598 8.76 -55.94 -9.24
N ALA A 599 7.57 -55.52 -9.68
CA ALA A 599 6.31 -56.18 -9.37
C ALA A 599 5.94 -56.03 -7.89
N ASP A 600 6.27 -54.87 -7.32
CA ASP A 600 6.03 -54.60 -5.92
C ASP A 600 4.53 -54.55 -5.58
N HIS A 601 4.13 -55.38 -4.61
CA HIS A 601 2.72 -55.64 -4.32
C HIS A 601 1.95 -54.40 -3.90
N GLU A 602 2.52 -53.66 -2.95
CA GLU A 602 1.83 -52.52 -2.35
C GLU A 602 1.75 -51.37 -3.35
N TYR A 603 2.82 -51.18 -4.14
CA TYR A 603 2.80 -50.18 -5.22
C TYR A 603 1.75 -50.51 -6.29
N ASN A 604 1.67 -51.78 -6.68
CA ASN A 604 0.61 -52.24 -7.60
C ASN A 604 -0.81 -51.91 -7.09
N LYS A 605 -1.04 -52.06 -5.79
CA LYS A 605 -2.36 -51.76 -5.23
C LYS A 605 -2.62 -50.24 -5.20
N VAL A 606 -1.63 -49.46 -4.73
CA VAL A 606 -1.76 -47.99 -4.68
C VAL A 606 -1.90 -47.35 -6.08
N LEU A 607 -1.20 -47.90 -7.06
CA LEU A 607 -1.29 -47.40 -8.44
C LEU A 607 -2.67 -47.68 -9.02
N LEU A 608 -3.20 -48.89 -8.82
CA LEU A 608 -4.58 -49.19 -9.20
C LEU A 608 -5.56 -48.24 -8.50
N ARG A 609 -5.44 -48.14 -7.17
CA ARG A 609 -6.18 -47.15 -6.36
C ARG A 609 -6.16 -45.73 -6.96
N LEU A 610 -4.97 -45.24 -7.33
CA LEU A 610 -4.86 -43.98 -8.07
C LEU A 610 -5.42 -44.13 -9.49
PB GDP B . 5.80 13.06 -7.47
O1B GDP B . 6.87 12.28 -6.77
O2B GDP B . 5.28 14.26 -6.75
O3B GDP B . 4.65 12.22 -7.98
O3A GDP B . 6.52 13.48 -8.87
PA GDP B . 7.22 14.89 -9.14
O1A GDP B . 6.16 15.94 -9.43
O2A GDP B . 8.27 15.17 -8.11
O5' GDP B . 7.93 14.63 -10.55
C5' GDP B . 8.92 13.60 -10.73
C4' GDP B . 9.85 13.94 -11.88
O4' GDP B . 9.13 13.81 -13.11
C3' GDP B . 10.44 15.35 -11.85
O3' GDP B . 11.74 15.36 -12.46
C2' GDP B . 9.48 16.11 -12.73
O2' GDP B . 10.07 17.24 -13.34
C1' GDP B . 9.13 15.06 -13.77
N9 GDP B . 7.81 15.28 -14.38
C8 GDP B . 6.63 15.44 -13.75
N7 GDP B . 5.63 15.62 -14.67
C5 GDP B . 6.17 15.56 -15.90
C6 GDP B . 5.69 15.65 -17.29
O6 GDP B . 4.46 15.83 -17.61
N1 GDP B . 6.61 15.51 -18.23
C2 GDP B . 7.92 15.29 -17.98
N2 GDP B . 8.77 15.17 -19.00
N3 GDP B . 8.44 15.19 -16.74
C4 GDP B . 7.61 15.32 -15.69
#